data_2IE6
#
_entry.id   2IE6
#
_cell.length_a   156.985
_cell.length_b   156.985
_cell.length_c   37.336
_cell.angle_alpha   90.00
_cell.angle_beta   90.00
_cell.angle_gamma   120.00
#
_symmetry.space_group_name_H-M   'H 3'
#
loop_
_entity.id
_entity.type
_entity.pdbx_description
1 polymer 'Annexin A5'
2 non-polymer 'CALCIUM ION'
3 non-polymer 'SULFATE ION'
4 non-polymer XENON
5 water water
#
_entity_poly.entity_id   1
_entity_poly.type   'polypeptide(L)'
_entity_poly.pdbx_seq_one_letter_code
;ALRGTVTDFSGFDGRADAEVLRKAMKGLGTDEDSILNLLTARSNAQRQQIAEEFKTLFGRDLVNDMKSELTGKFEKLIVA
LMKPSRLYDAYELKHALKGAGTDEKVLTEIIASRTPEELRAIKQAYEEEYGSNLEDDVVGDTSGYYQRMLVVLLQANRDP
DTAIDDAQVELDAQALFQAGELKWGTDEEKFITILGTRSVSHLRRVFDKYMTISGFQIEETIDRETSGNLENLLLAVVKS
IRSIPAYLAETLYYAMKGAGTDDHTLIRVIVSRSEIDLFNIRKEFRKNFATSLYSMIKGDTSGDYKKALLLLCGGEDD
;
_entity_poly.pdbx_strand_id   A
#
loop_
_chem_comp.id
_chem_comp.type
_chem_comp.name
_chem_comp.formula
CA non-polymer 'CALCIUM ION' 'Ca 2'
SO4 non-polymer 'SULFATE ION' 'O4 S -2'
XE non-polymer XENON Xe
#
# COMPACT_ATOMS: atom_id res chain seq x y z
N ALA A 1 -5.89 -16.80 -5.47
CA ALA A 1 -7.04 -16.07 -4.86
C ALA A 1 -6.97 -14.56 -5.09
N LEU A 2 -5.78 -14.02 -5.39
CA LEU A 2 -5.59 -12.56 -5.42
C LEU A 2 -6.09 -11.95 -6.72
N ARG A 3 -6.97 -10.95 -6.63
CA ARG A 3 -7.52 -10.31 -7.82
C ARG A 3 -7.56 -8.80 -7.64
N GLY A 4 -7.18 -8.06 -8.69
CA GLY A 4 -7.41 -6.62 -8.69
C GLY A 4 -8.78 -6.25 -9.22
N THR A 5 -9.01 -4.94 -9.37
CA THR A 5 -10.28 -4.43 -9.90
C THR A 5 -10.09 -3.85 -11.32
N VAL A 6 -8.83 -3.62 -11.71
CA VAL A 6 -8.51 -3.12 -13.06
C VAL A 6 -7.74 -4.16 -13.84
N THR A 7 -8.18 -4.42 -15.07
CA THR A 7 -7.46 -5.32 -15.97
C THR A 7 -7.30 -4.65 -17.35
N ASP A 8 -6.46 -5.23 -18.18
CA ASP A 8 -6.31 -4.82 -19.57
C ASP A 8 -7.62 -4.72 -20.28
N PHE A 9 -7.80 -3.60 -20.98
CA PHE A 9 -8.95 -3.39 -21.83
C PHE A 9 -8.77 -4.22 -23.10
N SER A 10 -9.80 -4.98 -23.44
CA SER A 10 -9.80 -5.76 -24.67
C SER A 10 -10.02 -4.82 -25.83
N GLY A 11 -9.30 -5.04 -26.92
CA GLY A 11 -9.45 -4.19 -28.10
C GLY A 11 -8.85 -2.81 -27.91
N PHE A 12 -7.85 -2.72 -27.05
CA PHE A 12 -7.09 -1.50 -26.81
C PHE A 12 -6.44 -0.92 -28.07
N ASP A 13 -6.67 0.36 -28.30
CA ASP A 13 -6.00 1.08 -29.38
C ASP A 13 -5.42 2.32 -28.75
N GLY A 14 -4.12 2.27 -28.46
CA GLY A 14 -3.45 3.38 -27.77
C GLY A 14 -3.52 4.73 -28.48
N ARG A 15 -3.46 4.68 -29.81
CA ARG A 15 -3.50 5.86 -30.67
C ARG A 15 -4.86 6.52 -30.63
N ALA A 16 -5.92 5.72 -30.70
CA ALA A 16 -7.27 6.22 -30.56
C ALA A 16 -7.47 6.87 -29.22
N ASP A 17 -6.99 6.19 -28.17
CA ASP A 17 -7.10 6.71 -26.82
C ASP A 17 -6.38 8.05 -26.71
N ALA A 18 -5.19 8.14 -27.31
CA ALA A 18 -4.40 9.37 -27.18
C ALA A 18 -5.17 10.54 -27.83
N GLU A 19 -5.85 10.25 -28.94
CA GLU A 19 -6.65 11.26 -29.65
C GLU A 19 -7.81 11.73 -28.80
N VAL A 20 -8.47 10.80 -28.12
CA VAL A 20 -9.57 11.16 -27.24
C VAL A 20 -9.08 12.09 -26.13
N LEU A 21 -7.93 11.77 -25.53
CA LEU A 21 -7.41 12.56 -24.46
C LEU A 21 -7.00 13.96 -24.94
N ARG A 22 -6.36 14.05 -26.11
CA ARG A 22 -6.02 15.36 -26.69
C ARG A 22 -7.26 16.23 -26.91
N LYS A 23 -8.28 15.64 -27.51
CA LYS A 23 -9.61 16.30 -27.66
C LYS A 23 -10.17 16.82 -26.32
N ALA A 24 -10.03 16.03 -25.26
CA ALA A 24 -10.52 16.41 -23.93
C ALA A 24 -9.87 17.67 -23.34
N MET A 25 -8.63 17.95 -23.72
CA MET A 25 -7.89 19.07 -23.13
C MET A 25 -7.67 20.26 -24.09
N LYS A 26 -7.63 19.95 -25.38
CA LYS A 26 -7.41 20.91 -26.44
C LYS A 26 -8.34 22.10 -26.26
N GLY A 27 -7.79 23.30 -26.37
CA GLY A 27 -8.60 24.51 -26.32
C GLY A 27 -9.14 24.87 -24.95
N LEU A 28 -10.14 25.73 -24.94
CA LEU A 28 -10.66 26.28 -23.69
C LEU A 28 -11.36 25.23 -22.83
N GLY A 29 -11.01 25.20 -21.54
CA GLY A 29 -11.64 24.25 -20.63
C GLY A 29 -11.08 22.85 -20.76
N THR A 30 -11.78 21.89 -20.15
CA THR A 30 -11.32 20.49 -19.99
C THR A 30 -12.53 19.59 -19.83
N ASP A 31 -12.52 18.47 -20.54
CA ASP A 31 -13.55 17.46 -20.39
C ASP A 31 -13.04 16.39 -19.41
N GLU A 32 -13.21 16.65 -18.11
CA GLU A 32 -12.71 15.75 -17.06
C GLU A 32 -13.40 14.40 -17.14
N ASP A 33 -14.67 14.39 -17.54
CA ASP A 33 -15.41 13.14 -17.64
C ASP A 33 -14.82 12.16 -18.66
N SER A 34 -14.44 12.68 -19.83
CA SER A 34 -13.80 11.84 -20.85
C SER A 34 -12.47 11.28 -20.34
N ILE A 35 -11.71 12.13 -19.67
CA ILE A 35 -10.42 11.71 -19.09
C ILE A 35 -10.63 10.59 -18.06
N LEU A 36 -11.46 10.82 -17.03
CA LEU A 36 -11.60 9.79 -15.98
C LEU A 36 -12.26 8.51 -16.51
N ASN A 37 -13.23 8.61 -17.42
CA ASN A 37 -13.81 7.35 -17.96
C ASN A 37 -12.84 6.47 -18.72
N LEU A 38 -11.87 7.10 -19.39
CA LEU A 38 -10.95 6.37 -20.18
C LEU A 38 -9.87 5.74 -19.30
N LEU A 39 -9.23 6.56 -18.47
CA LEU A 39 -8.02 6.15 -17.79
C LEU A 39 -8.34 5.11 -16.70
N THR A 40 -9.50 5.20 -16.09
CA THR A 40 -9.92 4.17 -15.08
C THR A 40 -10.26 2.84 -15.72
N ALA A 41 -10.39 2.85 -17.05
CA ALA A 41 -10.77 1.63 -17.80
C ALA A 41 -9.61 1.06 -18.60
N ARG A 42 -8.39 1.48 -18.25
CA ARG A 42 -7.19 0.96 -18.89
C ARG A 42 -6.25 0.51 -17.82
N SER A 43 -5.48 -0.52 -18.08
CA SER A 43 -4.54 -1.00 -17.06
C SER A 43 -3.37 -0.04 -17.05
N ASN A 44 -2.57 -0.08 -15.99
CA ASN A 44 -1.38 0.70 -15.88
C ASN A 44 -0.44 0.59 -17.09
N ALA A 45 -0.21 -0.64 -17.59
CA ALA A 45 0.68 -0.82 -18.75
C ALA A 45 0.09 -0.07 -19.97
N GLN A 46 -1.23 -0.12 -20.06
CA GLN A 46 -1.96 0.51 -21.17
C GLN A 46 -1.90 2.02 -21.07
N ARG A 47 -1.99 2.56 -19.86
CA ARG A 47 -1.77 4.02 -19.67
C ARG A 47 -0.39 4.47 -20.15
N GLN A 48 0.66 3.68 -19.87
CA GLN A 48 1.99 3.99 -20.38
C GLN A 48 2.04 4.04 -21.91
N GLN A 49 1.35 3.12 -22.56
CA GLN A 49 1.37 3.08 -24.04
C GLN A 49 0.60 4.27 -24.59
N ILE A 50 -0.49 4.64 -23.91
CA ILE A 50 -1.26 5.83 -24.30
C ILE A 50 -0.34 7.06 -24.24
N ALA A 51 0.41 7.19 -23.12
CA ALA A 51 1.33 8.33 -22.94
C ALA A 51 2.37 8.39 -24.08
N GLU A 52 2.89 7.24 -24.48
CA GLU A 52 3.88 7.22 -25.56
C GLU A 52 3.26 7.59 -26.93
N GLU A 53 2.03 7.11 -27.21
CA GLU A 53 1.34 7.43 -28.47
C GLU A 53 1.00 8.92 -28.49
N PHE A 54 0.63 9.48 -27.34
CA PHE A 54 0.25 10.92 -27.23
C PHE A 54 1.45 11.75 -27.61
N LYS A 55 2.62 11.38 -27.08
CA LYS A 55 3.84 12.11 -27.37
C LYS A 55 4.30 11.97 -28.83
N THR A 56 4.09 10.77 -29.38
CA THR A 56 4.37 10.49 -30.80
C THR A 56 3.48 11.30 -31.74
N LEU A 57 2.19 11.35 -31.46
CA LEU A 57 1.27 12.11 -32.31
C LEU A 57 1.43 13.61 -32.21
N PHE A 58 1.61 14.11 -30.99
CA PHE A 58 1.42 15.56 -30.71
C PHE A 58 2.67 16.26 -30.20
N GLY A 59 3.66 15.47 -29.81
CA GLY A 59 4.91 16.04 -29.26
C GLY A 59 4.73 16.77 -27.94
N ARG A 60 3.71 16.33 -27.19
CA ARG A 60 3.33 16.88 -25.90
C ARG A 60 3.47 15.78 -24.86
N ASP A 61 3.81 16.14 -23.63
CA ASP A 61 3.84 15.13 -22.55
C ASP A 61 2.47 15.02 -21.93
N LEU A 62 1.88 13.83 -22.00
CA LEU A 62 0.53 13.65 -21.49
C LEU A 62 0.37 14.06 -20.00
N VAL A 63 1.24 13.58 -19.14
CA VAL A 63 1.09 13.86 -17.70
C VAL A 63 1.28 15.36 -17.45
N ASN A 64 2.26 15.96 -18.10
CA ASN A 64 2.45 17.41 -17.95
C ASN A 64 1.21 18.18 -18.38
N ASP A 65 0.59 17.76 -19.49
CA ASP A 65 -0.63 18.42 -19.92
C ASP A 65 -1.76 18.23 -18.91
N MET A 66 -1.87 17.04 -18.32
CA MET A 66 -2.94 16.80 -17.35
C MET A 66 -2.68 17.60 -16.07
N LYS A 67 -1.42 17.70 -15.67
CA LYS A 67 -1.06 18.52 -14.52
C LYS A 67 -1.46 19.97 -14.75
N SER A 68 -1.38 20.44 -16.01
CA SER A 68 -1.80 21.79 -16.41
C SER A 68 -3.31 22.04 -16.42
N GLU A 69 -4.07 21.06 -16.88
CA GLU A 69 -5.52 21.16 -17.04
C GLU A 69 -6.29 20.85 -15.78
N LEU A 70 -5.78 19.91 -14.99
CA LEU A 70 -6.56 19.39 -13.87
C LEU A 70 -6.13 20.04 -12.57
N THR A 71 -6.97 19.85 -11.57
CA THR A 71 -6.77 20.53 -10.32
C THR A 71 -7.18 19.66 -9.14
N GLY A 72 -6.58 19.93 -7.98
CA GLY A 72 -7.08 19.42 -6.71
C GLY A 72 -6.82 17.94 -6.52
N LYS A 73 -7.74 17.27 -5.84
CA LYS A 73 -7.58 15.87 -5.52
C LYS A 73 -7.72 15.00 -6.78
N PHE A 74 -8.58 15.44 -7.69
CA PHE A 74 -8.73 14.76 -8.96
C PHE A 74 -7.37 14.68 -9.68
N GLU A 75 -6.66 15.81 -9.74
CA GLU A 75 -5.38 15.84 -10.40
C GLU A 75 -4.42 14.88 -9.71
N LYS A 76 -4.44 14.90 -8.38
CA LYS A 76 -3.55 14.03 -7.60
C LYS A 76 -3.78 12.56 -7.90
N LEU A 77 -5.04 12.17 -8.06
CA LEU A 77 -5.42 10.80 -8.39
C LEU A 77 -4.98 10.40 -9.79
N ILE A 78 -5.26 11.27 -10.77
CA ILE A 78 -4.87 11.00 -12.16
C ILE A 78 -3.35 10.87 -12.28
N VAL A 79 -2.60 11.73 -11.60
CA VAL A 79 -1.15 11.66 -11.71
C VAL A 79 -0.68 10.35 -11.07
N ALA A 80 -1.33 9.96 -9.97
CA ALA A 80 -0.96 8.70 -9.31
C ALA A 80 -1.23 7.51 -10.25
N LEU A 81 -2.38 7.51 -10.95
CA LEU A 81 -2.73 6.47 -11.93
C LEU A 81 -1.74 6.39 -13.10
N MET A 82 -1.14 7.52 -13.45
CA MET A 82 -0.19 7.52 -14.57
C MET A 82 1.20 7.02 -14.19
N LYS A 83 1.55 7.03 -12.91
CA LYS A 83 2.88 6.57 -12.52
C LYS A 83 3.00 5.09 -12.87
N PRO A 84 4.07 4.69 -13.58
CA PRO A 84 4.28 3.26 -13.82
C PRO A 84 4.20 2.47 -12.51
N SER A 85 3.46 1.37 -12.53
CA SER A 85 3.29 0.50 -11.37
C SER A 85 4.61 0.14 -10.72
N ARG A 86 5.63 -0.13 -11.53
CA ARG A 86 6.93 -0.53 -10.98
C ARG A 86 7.63 0.59 -10.20
N LEU A 87 7.20 1.84 -10.39
CA LEU A 87 7.80 2.97 -9.68
C LEU A 87 6.93 3.55 -8.57
N TYR A 88 5.66 3.19 -8.50
CA TYR A 88 4.74 3.95 -7.63
C TYR A 88 5.08 3.84 -6.14
N ASP A 89 5.31 2.61 -5.65
CA ASP A 89 5.66 2.47 -4.21
C ASP A 89 6.95 3.24 -3.91
N ALA A 90 7.95 3.11 -4.78
CA ALA A 90 9.20 3.88 -4.59
C ALA A 90 8.97 5.40 -4.54
N TYR A 91 8.10 5.90 -5.42
CA TYR A 91 7.77 7.32 -5.45
C TYR A 91 7.11 7.73 -4.13
N GLU A 92 6.17 6.92 -3.65
CA GLU A 92 5.53 7.24 -2.37
C GLU A 92 6.51 7.23 -1.21
N LEU A 93 7.39 6.23 -1.15
CA LEU A 93 8.47 6.23 -0.15
C LEU A 93 9.38 7.45 -0.25
N LYS A 94 9.76 7.81 -1.49
CA LYS A 94 10.69 8.92 -1.66
C LYS A 94 10.04 10.18 -1.08
N HIS A 95 8.75 10.35 -1.33
CA HIS A 95 8.00 11.51 -0.89
C HIS A 95 7.68 11.52 0.59
N ALA A 96 7.77 10.35 1.21
CA ALA A 96 7.63 10.23 2.67
C ALA A 96 8.92 10.65 3.40
N LEU A 97 10.05 10.55 2.71
CA LEU A 97 11.37 10.73 3.34
C LEU A 97 11.86 12.16 3.25
N LYS A 98 11.84 12.88 4.38
CA LYS A 98 12.06 14.33 4.44
C LYS A 98 12.34 14.83 5.87
N GLY A 99 13.46 14.39 6.44
CA GLY A 99 13.92 14.83 7.76
C GLY A 99 12.99 14.47 8.91
N ALA A 100 13.09 15.20 10.03
CA ALA A 100 12.14 15.04 11.13
C ALA A 100 10.68 15.24 10.68
N GLY A 101 10.49 15.77 9.46
CA GLY A 101 9.17 15.89 8.84
C GLY A 101 8.71 14.65 8.10
N THR A 102 9.51 13.58 8.16
CA THR A 102 9.21 12.29 7.56
C THR A 102 7.82 11.74 7.88
N ASP A 103 7.19 11.14 6.88
CA ASP A 103 5.86 10.57 7.03
C ASP A 103 5.95 9.08 7.40
N GLU A 104 6.07 8.79 8.70
CA GLU A 104 6.24 7.40 9.16
C GLU A 104 5.07 6.48 8.81
N LYS A 105 3.85 7.01 8.79
CA LYS A 105 2.70 6.19 8.41
C LYS A 105 2.93 5.51 7.06
N VAL A 106 3.52 6.23 6.11
CA VAL A 106 3.73 5.73 4.76
C VAL A 106 4.81 4.65 4.76
N LEU A 107 5.93 4.92 5.43
CA LEU A 107 7.03 3.94 5.54
C LEU A 107 6.48 2.64 6.13
N THR A 108 5.79 2.76 7.26
CA THR A 108 5.17 1.58 7.90
C THR A 108 4.20 0.83 6.98
N GLU A 109 3.26 1.55 6.37
CA GLU A 109 2.22 0.93 5.56
C GLU A 109 2.83 0.14 4.42
N ILE A 110 3.75 0.77 3.68
CA ILE A 110 4.32 0.09 2.50
C ILE A 110 5.26 -1.04 2.88
N ILE A 111 6.18 -0.75 3.78
CA ILE A 111 7.27 -1.70 4.06
C ILE A 111 6.73 -2.97 4.78
N ALA A 112 5.72 -2.77 5.64
CA ALA A 112 5.07 -3.88 6.37
C ALA A 112 4.22 -4.76 5.46
N SER A 113 3.58 -4.15 4.45
CA SER A 113 2.57 -4.85 3.66
C SER A 113 3.08 -5.41 2.34
N ARG A 114 4.28 -5.04 1.92
CA ARG A 114 4.84 -5.52 0.65
C ARG A 114 5.60 -6.81 0.91
N THR A 115 5.51 -7.75 -0.03
CA THR A 115 6.22 -9.03 0.09
C THR A 115 7.73 -8.84 -0.16
N PRO A 116 8.57 -9.79 0.29
CA PRO A 116 9.99 -9.69 -0.02
C PRO A 116 10.26 -9.50 -1.54
N GLU A 117 9.53 -10.21 -2.39
CA GLU A 117 9.67 -10.02 -3.85
C GLU A 117 9.31 -8.59 -4.26
N GLU A 118 8.25 -8.05 -3.68
CA GLU A 118 7.89 -6.65 -3.97
C GLU A 118 8.98 -5.70 -3.47
N LEU A 119 9.48 -5.91 -2.26
CA LEU A 119 10.50 -5.00 -1.73
C LEU A 119 11.82 -5.00 -2.54
N ARG A 120 12.24 -6.16 -3.04
CA ARG A 120 13.44 -6.25 -3.90
C ARG A 120 13.29 -5.34 -5.12
N ALA A 121 12.11 -5.43 -5.77
CA ALA A 121 11.76 -4.61 -6.93
C ALA A 121 11.71 -3.13 -6.56
N ILE A 122 11.10 -2.80 -5.41
CA ILE A 122 11.03 -1.40 -4.93
C ILE A 122 12.42 -0.80 -4.71
N LYS A 123 13.30 -1.55 -4.03
CA LYS A 123 14.65 -1.04 -3.76
C LYS A 123 15.40 -0.73 -5.05
N GLN A 124 15.26 -1.61 -6.04
CA GLN A 124 15.90 -1.41 -7.33
C GLN A 124 15.34 -0.18 -8.05
N ALA A 125 14.02 -0.06 -8.14
CA ALA A 125 13.40 1.08 -8.81
C ALA A 125 13.74 2.40 -8.13
N TYR A 126 13.79 2.40 -6.80
CA TYR A 126 14.11 3.61 -6.06
C TYR A 126 15.54 4.13 -6.39
N GLU A 127 16.50 3.22 -6.41
CA GLU A 127 17.90 3.57 -6.67
C GLU A 127 18.07 4.08 -8.10
N GLU A 128 17.41 3.39 -9.04
CA GLU A 128 17.43 3.78 -10.45
C GLU A 128 16.78 5.13 -10.71
N GLU A 129 15.68 5.41 -10.01
CA GLU A 129 14.94 6.65 -10.18
C GLU A 129 15.58 7.84 -9.49
N TYR A 130 16.10 7.62 -8.28
CA TYR A 130 16.51 8.73 -7.43
C TYR A 130 17.98 8.80 -7.10
N GLY A 131 18.76 7.79 -7.49
CA GLY A 131 20.22 7.81 -7.35
C GLY A 131 20.72 7.61 -5.94
N SER A 132 19.82 7.12 -5.07
CA SER A 132 20.06 6.93 -3.66
C SER A 132 19.67 5.51 -3.30
N ASN A 133 20.29 5.00 -2.25
CA ASN A 133 19.92 3.73 -1.66
C ASN A 133 18.74 3.91 -0.67
N LEU A 134 17.64 3.17 -0.90
CA LEU A 134 16.47 3.29 -0.03
C LEU A 134 16.79 3.07 1.46
N GLU A 135 17.61 2.05 1.72
CA GLU A 135 17.93 1.70 3.10
C GLU A 135 18.67 2.87 3.72
N ASP A 136 19.69 3.39 3.04
CA ASP A 136 20.41 4.57 3.53
C ASP A 136 19.45 5.73 3.89
N ASP A 137 18.50 6.05 3.01
CA ASP A 137 17.58 7.17 3.26
C ASP A 137 16.66 6.89 4.43
N VAL A 138 16.18 5.66 4.55
CA VAL A 138 15.34 5.28 5.69
C VAL A 138 16.12 5.43 7.01
N VAL A 139 17.32 4.85 7.05
CA VAL A 139 18.23 4.96 8.19
C VAL A 139 18.49 6.42 8.56
N GLY A 140 18.62 7.26 7.54
CA GLY A 140 18.85 8.71 7.71
C GLY A 140 17.77 9.46 8.46
N ASP A 141 16.52 9.06 8.26
CA ASP A 141 15.36 9.80 8.78
C ASP A 141 14.58 9.09 9.87
N THR A 142 15.12 7.97 10.35
CA THR A 142 14.48 7.19 11.40
C THR A 142 15.50 6.88 12.50
N SER A 143 15.01 6.42 13.65
CA SER A 143 15.89 6.09 14.75
C SER A 143 15.32 4.90 15.51
N GLY A 144 16.15 4.30 16.36
CA GLY A 144 15.67 3.40 17.38
C GLY A 144 15.25 2.06 16.82
N TYR A 145 14.44 1.35 17.59
CA TYR A 145 13.99 0.04 17.17
C TYR A 145 13.06 0.11 15.96
N TYR A 146 12.35 1.22 15.80
CA TYR A 146 11.57 1.45 14.59
C TYR A 146 12.46 1.34 13.34
N GLN A 147 13.57 2.05 13.34
CA GLN A 147 14.50 1.97 12.21
C GLN A 147 15.00 0.53 12.00
N ARG A 148 15.34 -0.13 13.10
CA ARG A 148 15.91 -1.47 13.03
C ARG A 148 14.94 -2.45 12.38
N MET A 149 13.70 -2.43 12.83
CA MET A 149 12.66 -3.26 12.22
C MET A 149 12.47 -2.92 10.74
N LEU A 150 12.46 -1.63 10.41
CA LEU A 150 12.35 -1.29 8.97
C LEU A 150 13.53 -1.85 8.14
N VAL A 151 14.74 -1.77 8.68
CA VAL A 151 15.95 -2.28 8.00
C VAL A 151 15.84 -3.79 7.85
N VAL A 152 15.42 -4.46 8.91
CA VAL A 152 15.20 -5.91 8.82
C VAL A 152 14.25 -6.27 7.66
N LEU A 153 13.10 -5.59 7.61
CA LEU A 153 12.12 -5.85 6.57
C LEU A 153 12.69 -5.50 5.22
N LEU A 154 13.46 -4.42 5.14
CA LEU A 154 14.09 -4.01 3.85
C LEU A 154 15.10 -5.02 3.30
N GLN A 155 15.57 -5.92 4.14
CA GLN A 155 16.52 -6.93 3.66
C GLN A 155 15.80 -7.92 2.76
N ALA A 156 14.46 -8.01 2.87
CA ALA A 156 13.63 -8.86 2.01
C ALA A 156 14.08 -10.33 2.08
N ASN A 157 14.41 -10.77 3.29
CA ASN A 157 15.10 -12.02 3.57
C ASN A 157 14.28 -12.91 4.49
N ARG A 158 12.96 -12.76 4.46
CA ARG A 158 12.13 -13.53 5.33
C ARG A 158 12.27 -14.99 4.95
N ASP A 159 12.32 -15.86 5.95
CA ASP A 159 12.40 -17.31 5.71
C ASP A 159 11.32 -17.73 4.74
N PRO A 160 11.63 -18.65 3.83
CA PRO A 160 10.58 -19.09 2.92
C PRO A 160 9.58 -19.99 3.64
N ASP A 161 8.35 -20.05 3.12
CA ASP A 161 7.35 -20.96 3.63
C ASP A 161 7.78 -22.37 3.30
N THR A 162 7.84 -23.20 4.33
CA THR A 162 8.26 -24.59 4.18
C THR A 162 7.41 -25.42 5.17
N ALA A 163 7.71 -26.70 5.37
CA ALA A 163 6.89 -27.49 6.26
C ALA A 163 7.02 -26.95 7.70
N ILE A 164 5.93 -26.93 8.43
CA ILE A 164 5.89 -26.34 9.78
C ILE A 164 6.49 -27.32 10.79
N ASP A 165 7.36 -26.81 11.65
CA ASP A 165 7.95 -27.63 12.71
C ASP A 165 7.30 -27.21 14.02
N ASP A 166 6.45 -28.07 14.56
CA ASP A 166 5.66 -27.78 15.77
C ASP A 166 6.54 -27.32 16.95
N ALA A 167 7.72 -27.91 17.10
CA ALA A 167 8.61 -27.60 18.22
C ALA A 167 9.14 -26.16 18.07
N GLN A 168 9.40 -25.76 16.83
CA GLN A 168 9.86 -24.39 16.54
C GLN A 168 8.75 -23.37 16.80
N VAL A 169 7.51 -23.75 16.48
CA VAL A 169 6.34 -22.92 16.81
C VAL A 169 6.27 -22.73 18.34
N GLU A 170 6.42 -23.82 19.09
CA GLU A 170 6.39 -23.72 20.56
C GLU A 170 7.50 -22.84 21.07
N LEU A 171 8.71 -23.03 20.55
CA LEU A 171 9.89 -22.30 21.01
C LEU A 171 9.70 -20.82 20.76
N ASP A 172 9.24 -20.46 19.54
CA ASP A 172 9.06 -19.05 19.22
C ASP A 172 7.95 -18.37 20.02
N ALA A 173 6.85 -19.08 20.25
CA ALA A 173 5.72 -18.53 21.05
C ALA A 173 6.21 -18.30 22.48
N GLN A 174 6.94 -19.26 23.02
CA GLN A 174 7.49 -19.09 24.36
C GLN A 174 8.51 -17.95 24.45
N ALA A 175 9.37 -17.84 23.44
CA ALA A 175 10.37 -16.79 23.36
C ALA A 175 9.67 -15.43 23.44
N LEU A 176 8.60 -15.28 22.66
CA LEU A 176 7.85 -14.02 22.64
C LEU A 176 7.24 -13.72 24.01
N PHE A 177 6.65 -14.74 24.63
CA PHE A 177 6.07 -14.59 25.97
C PHE A 177 7.14 -14.11 26.98
N GLN A 178 8.31 -14.73 26.94
CA GLN A 178 9.44 -14.36 27.84
C GLN A 178 10.03 -12.98 27.55
N ALA A 179 9.98 -12.58 26.30
CA ALA A 179 10.57 -11.29 25.87
C ALA A 179 9.68 -10.09 26.17
N GLY A 180 8.40 -10.33 26.45
CA GLY A 180 7.46 -9.22 26.62
C GLY A 180 6.77 -9.33 27.99
N GLU A 181 5.73 -10.14 28.05
CA GLU A 181 4.84 -10.14 29.21
C GLU A 181 5.54 -10.57 30.48
N LEU A 182 6.54 -11.44 30.38
CA LEU A 182 7.22 -11.95 31.58
C LEU A 182 8.49 -11.17 31.88
N LYS A 183 8.75 -10.13 31.11
CA LYS A 183 10.00 -9.39 31.25
C LYS A 183 9.66 -8.03 31.82
N TRP A 184 10.47 -7.54 32.77
CA TRP A 184 10.37 -6.15 33.18
C TRP A 184 11.01 -5.30 32.07
N GLY A 185 10.21 -4.53 31.37
CA GLY A 185 10.70 -3.90 30.14
C GLY A 185 10.39 -4.86 28.99
N THR A 186 11.15 -4.77 27.91
CA THR A 186 10.79 -5.55 26.72
C THR A 186 12.10 -5.86 26.00
N ASP A 187 12.23 -7.07 25.47
CA ASP A 187 13.39 -7.41 24.67
C ASP A 187 12.94 -7.16 23.22
N GLU A 188 13.05 -5.91 22.76
CA GLU A 188 12.55 -5.57 21.41
C GLU A 188 13.30 -6.37 20.34
N GLU A 189 14.57 -6.66 20.59
CA GLU A 189 15.41 -7.34 19.60
C GLU A 189 14.82 -8.69 19.24
N LYS A 190 14.32 -9.38 20.25
CA LYS A 190 13.71 -10.66 20.04
C LYS A 190 12.45 -10.60 19.23
N PHE A 191 11.57 -9.64 19.53
CA PHE A 191 10.38 -9.47 18.70
C PHE A 191 10.72 -9.17 17.25
N ILE A 192 11.73 -8.32 17.08
CA ILE A 192 12.09 -7.89 15.72
C ILE A 192 12.62 -9.06 14.89
N THR A 193 13.51 -9.86 15.47
CA THR A 193 14.06 -11.04 14.78
C THR A 193 12.94 -11.99 14.43
N ILE A 194 12.06 -12.32 15.40
CA ILE A 194 11.04 -13.33 15.11
C ILE A 194 10.00 -12.78 14.13
N LEU A 195 9.44 -11.59 14.42
CA LEU A 195 8.41 -11.06 13.52
C LEU A 195 8.94 -10.69 12.15
N GLY A 196 10.20 -10.29 12.09
CA GLY A 196 10.80 -9.74 10.88
C GLY A 196 11.33 -10.79 9.95
N THR A 197 11.69 -11.97 10.47
CA THR A 197 12.47 -12.95 9.64
C THR A 197 11.86 -14.34 9.47
N ARG A 198 10.94 -14.73 10.36
CA ARG A 198 10.33 -16.05 10.24
C ARG A 198 9.34 -16.05 9.09
N SER A 199 8.98 -17.23 8.57
CA SER A 199 8.12 -17.25 7.40
C SER A 199 6.71 -16.88 7.80
N VAL A 200 5.92 -16.44 6.81
CA VAL A 200 4.53 -16.10 7.07
C VAL A 200 3.75 -17.30 7.64
N SER A 201 3.90 -18.49 7.04
CA SER A 201 3.08 -19.59 7.48
C SER A 201 3.48 -20.02 8.90
N HIS A 202 4.78 -19.93 9.21
CA HIS A 202 5.25 -20.25 10.56
C HIS A 202 4.69 -19.27 11.58
N LEU A 203 4.77 -17.96 11.29
CA LEU A 203 4.27 -16.95 12.23
C LEU A 203 2.77 -17.02 12.46
N ARG A 204 2.00 -17.36 11.42
CA ARG A 204 0.59 -17.57 11.68
C ARG A 204 0.34 -18.62 12.77
N ARG A 205 1.13 -19.69 12.78
CA ARG A 205 0.97 -20.73 13.79
C ARG A 205 1.49 -20.25 15.14
N VAL A 206 2.58 -19.48 15.11
CA VAL A 206 3.13 -18.89 16.33
C VAL A 206 2.06 -17.99 16.97
N PHE A 207 1.38 -17.17 16.17
CA PHE A 207 0.36 -16.29 16.77
C PHE A 207 -0.73 -17.06 17.51
N ASP A 208 -1.21 -18.15 16.91
CA ASP A 208 -2.21 -18.99 17.58
C ASP A 208 -1.68 -19.64 18.87
N LYS A 209 -0.48 -20.16 18.80
CA LYS A 209 0.13 -20.79 19.98
C LYS A 209 0.40 -19.77 21.08
N TYR A 210 0.83 -18.56 20.70
CA TYR A 210 1.06 -17.49 21.68
C TYR A 210 -0.25 -17.18 22.46
N MET A 211 -1.38 -17.09 21.75
CA MET A 211 -2.71 -16.89 22.39
C MET A 211 -2.99 -18.05 23.38
N THR A 212 -2.73 -19.28 22.95
CA THR A 212 -2.98 -20.47 23.79
C THR A 212 -2.15 -20.40 25.10
N ILE A 213 -0.88 -20.04 24.97
CA ILE A 213 0.01 -19.97 26.11
C ILE A 213 -0.29 -18.82 27.06
N SER A 214 -0.47 -17.61 26.50
CA SER A 214 -0.48 -16.39 27.29
C SER A 214 -1.88 -15.87 27.64
N GLY A 215 -2.89 -16.29 26.89
CA GLY A 215 -4.23 -15.71 26.95
C GLY A 215 -4.39 -14.37 26.26
N PHE A 216 -3.29 -13.84 25.68
CA PHE A 216 -3.36 -12.60 24.89
C PHE A 216 -3.13 -12.87 23.41
N GLN A 217 -3.81 -12.11 22.54
CA GLN A 217 -3.40 -12.09 21.12
C GLN A 217 -2.11 -11.32 21.04
N ILE A 218 -1.26 -11.64 20.08
CA ILE A 218 0.01 -10.91 19.95
C ILE A 218 -0.21 -9.36 19.82
N GLU A 219 -1.26 -8.94 19.14
CA GLU A 219 -1.54 -7.50 19.01
C GLU A 219 -1.79 -6.85 20.38
N GLU A 220 -2.40 -7.60 21.28
CA GLU A 220 -2.68 -7.08 22.63
C GLU A 220 -1.37 -6.92 23.38
N THR A 221 -0.51 -7.95 23.31
CA THR A 221 0.84 -7.81 23.90
C THR A 221 1.63 -6.60 23.37
N ILE A 222 1.58 -6.41 22.06
CA ILE A 222 2.30 -5.31 21.44
C ILE A 222 1.83 -3.97 22.01
N ASP A 223 0.52 -3.83 22.18
CA ASP A 223 0.00 -2.56 22.70
C ASP A 223 0.37 -2.41 24.17
N ARG A 224 0.46 -3.54 24.87
CA ARG A 224 0.80 -3.53 26.29
C ARG A 224 2.27 -3.22 26.48
N GLU A 225 3.12 -3.66 25.54
CA GLU A 225 4.56 -3.58 25.74
C GLU A 225 5.27 -2.45 25.06
N THR A 226 4.74 -1.94 23.95
CA THR A 226 5.47 -0.93 23.20
C THR A 226 4.56 0.26 22.97
N SER A 227 5.09 1.28 22.33
CA SER A 227 4.28 2.44 21.97
C SER A 227 4.91 3.14 20.75
N GLY A 228 4.20 4.14 20.25
CA GLY A 228 4.85 5.07 19.31
C GLY A 228 4.99 4.40 17.97
N ASN A 229 6.01 4.78 17.22
CA ASN A 229 6.16 4.26 15.86
C ASN A 229 6.46 2.78 15.84
N LEU A 230 7.22 2.31 16.83
CA LEU A 230 7.51 0.87 16.87
C LEU A 230 6.22 0.09 17.05
N GLU A 231 5.34 0.56 17.93
CA GLU A 231 4.06 -0.13 18.09
C GLU A 231 3.29 -0.21 16.77
N ASN A 232 3.20 0.90 16.05
CA ASN A 232 2.39 0.92 14.81
C ASN A 232 2.95 -0.04 13.77
N LEU A 233 4.27 -0.07 13.69
CA LEU A 233 4.96 -0.94 12.73
C LEU A 233 4.76 -2.40 13.11
N LEU A 234 4.95 -2.72 14.39
CA LEU A 234 4.80 -4.15 14.78
C LEU A 234 3.35 -4.60 14.53
N LEU A 235 2.39 -3.73 14.84
CA LEU A 235 0.99 -4.08 14.52
C LEU A 235 0.77 -4.27 13.02
N ALA A 236 1.36 -3.40 12.21
CA ALA A 236 1.16 -3.50 10.76
C ALA A 236 1.77 -4.81 10.22
N VAL A 237 2.93 -5.19 10.75
CA VAL A 237 3.63 -6.43 10.37
C VAL A 237 2.75 -7.62 10.74
N VAL A 238 2.33 -7.68 12.02
CA VAL A 238 1.42 -8.77 12.43
C VAL A 238 0.15 -8.83 11.59
N LYS A 239 -0.52 -7.69 11.41
CA LYS A 239 -1.76 -7.69 10.63
C LYS A 239 -1.54 -8.15 9.17
N SER A 240 -0.40 -7.75 8.60
CA SER A 240 -0.04 -8.15 7.23
C SER A 240 0.26 -9.64 7.15
N ILE A 241 0.89 -10.19 8.19
CA ILE A 241 1.16 -11.63 8.18
C ILE A 241 -0.15 -12.41 8.19
N ARG A 242 -1.11 -11.92 8.98
CA ARG A 242 -2.43 -12.53 9.03
C ARG A 242 -3.15 -12.40 7.69
N SER A 243 -3.18 -11.18 7.13
CA SER A 243 -3.85 -10.98 5.85
C SER A 243 -3.46 -9.62 5.33
N ILE A 244 -2.72 -9.58 4.24
CA ILE A 244 -2.42 -8.26 3.66
C ILE A 244 -3.70 -7.49 3.25
N PRO A 245 -4.61 -8.14 2.52
CA PRO A 245 -5.84 -7.42 2.15
C PRO A 245 -6.61 -6.91 3.36
N ALA A 246 -6.61 -7.68 4.46
CA ALA A 246 -7.31 -7.26 5.67
C ALA A 246 -6.65 -6.04 6.28
N TYR A 247 -5.32 -6.00 6.29
CA TYR A 247 -4.57 -4.87 6.85
C TYR A 247 -4.85 -3.61 6.00
N LEU A 248 -4.80 -3.77 4.69
CA LEU A 248 -5.07 -2.65 3.78
C LEU A 248 -6.53 -2.16 3.83
N ALA A 249 -7.47 -3.09 4.03
CA ALA A 249 -8.87 -2.73 4.25
C ALA A 249 -9.02 -1.86 5.49
N GLU A 250 -8.33 -2.23 6.57
CA GLU A 250 -8.34 -1.47 7.81
C GLU A 250 -7.73 -0.09 7.61
N THR A 251 -6.63 -0.04 6.86
CA THR A 251 -5.94 1.21 6.56
C THR A 251 -6.90 2.19 5.84
N LEU A 252 -7.68 1.66 4.91
CA LEU A 252 -8.64 2.45 4.14
C LEU A 252 -9.76 2.93 5.07
N TYR A 253 -10.29 2.01 5.85
CA TYR A 253 -11.31 2.32 6.84
C TYR A 253 -10.93 3.51 7.71
N TYR A 254 -9.72 3.53 8.26
CA TYR A 254 -9.31 4.60 9.14
C TYR A 254 -8.99 5.92 8.42
N ALA A 255 -8.66 5.83 7.13
CA ALA A 255 -8.41 7.02 6.31
C ALA A 255 -9.69 7.85 6.14
N MET A 256 -10.84 7.16 6.12
CA MET A 256 -12.15 7.77 5.92
C MET A 256 -12.97 7.89 7.22
N LYS A 257 -12.52 7.26 8.31
CA LYS A 257 -13.24 7.42 9.58
C LYS A 257 -12.90 8.70 10.32
N GLY A 258 -13.94 9.31 10.88
CA GLY A 258 -13.81 10.62 11.51
C GLY A 258 -14.10 11.70 10.50
N ALA A 259 -13.74 12.94 10.87
CA ALA A 259 -14.06 14.11 10.09
C ALA A 259 -13.10 14.24 8.91
N GLY A 260 -13.66 14.46 7.73
CA GLY A 260 -12.86 14.56 6.53
C GLY A 260 -12.33 13.20 6.10
N THR A 261 -11.24 13.24 5.34
CA THR A 261 -10.67 12.06 4.69
C THR A 261 -9.17 12.25 4.61
N ASP A 262 -8.43 11.17 4.90
CA ASP A 262 -7.02 11.13 4.58
C ASP A 262 -6.90 10.77 3.08
N ASP A 263 -6.93 11.79 2.25
CA ASP A 263 -6.99 11.56 0.80
C ASP A 263 -5.73 10.93 0.25
N HIS A 264 -4.57 11.31 0.79
CA HIS A 264 -3.31 10.76 0.31
C HIS A 264 -3.29 9.24 0.51
N THR A 265 -3.84 8.78 1.63
CA THR A 265 -3.84 7.35 1.94
C THR A 265 -4.84 6.62 1.09
N LEU A 266 -6.01 7.24 0.91
CA LEU A 266 -7.04 6.69 0.07
C LEU A 266 -6.52 6.48 -1.36
N ILE A 267 -5.88 7.51 -1.93
CA ILE A 267 -5.38 7.43 -3.31
C ILE A 267 -4.30 6.36 -3.37
N ARG A 268 -3.35 6.40 -2.44
CA ARG A 268 -2.23 5.45 -2.47
C ARG A 268 -2.71 4.02 -2.45
N VAL A 269 -3.62 3.69 -1.54
CA VAL A 269 -4.07 2.29 -1.44
C VAL A 269 -4.83 1.81 -2.68
N ILE A 270 -5.81 2.61 -3.11
CA ILE A 270 -6.61 2.26 -4.27
C ILE A 270 -5.73 2.09 -5.50
N VAL A 271 -4.87 3.06 -5.76
CA VAL A 271 -4.05 3.01 -6.98
C VAL A 271 -3.03 1.86 -6.85
N SER A 272 -2.29 1.82 -5.75
CA SER A 272 -1.20 0.80 -5.66
C SER A 272 -1.73 -0.64 -5.76
N ARG A 273 -2.94 -0.90 -5.26
CA ARG A 273 -3.45 -2.26 -5.16
C ARG A 273 -4.47 -2.59 -6.25
N SER A 274 -4.74 -1.65 -7.14
CA SER A 274 -5.85 -1.78 -8.10
C SER A 274 -5.64 -2.98 -9.04
N GLU A 275 -4.38 -3.37 -9.28
CA GLU A 275 -4.09 -4.51 -10.15
C GLU A 275 -3.47 -5.72 -9.41
N ILE A 276 -3.70 -5.76 -8.10
CA ILE A 276 -3.09 -6.85 -7.31
C ILE A 276 -4.16 -7.56 -6.49
N ASP A 277 -4.75 -6.83 -5.55
CA ASP A 277 -5.65 -7.44 -4.58
C ASP A 277 -6.76 -6.50 -4.08
N LEU A 278 -7.10 -5.45 -4.85
CA LEU A 278 -8.13 -4.53 -4.37
C LEU A 278 -9.47 -5.23 -4.30
N PHE A 279 -9.65 -6.28 -5.10
CA PHE A 279 -10.87 -7.05 -4.98
C PHE A 279 -10.94 -7.74 -3.61
N ASN A 280 -9.83 -8.34 -3.20
CA ASN A 280 -9.73 -8.97 -1.89
C ASN A 280 -9.91 -7.97 -0.77
N ILE A 281 -9.32 -6.80 -0.95
CA ILE A 281 -9.49 -5.71 0.00
C ILE A 281 -10.96 -5.36 0.19
N ARG A 282 -11.71 -5.20 -0.92
CA ARG A 282 -13.16 -4.97 -0.85
C ARG A 282 -13.88 -6.01 0.01
N LYS A 283 -13.57 -7.28 -0.24
CA LYS A 283 -14.22 -8.39 0.48
C LYS A 283 -13.97 -8.34 1.98
N GLU A 284 -12.70 -8.16 2.36
CA GLU A 284 -12.31 -8.01 3.79
C GLU A 284 -12.98 -6.80 4.40
N PHE A 285 -13.07 -5.73 3.61
CA PHE A 285 -13.67 -4.48 4.09
C PHE A 285 -15.14 -4.70 4.45
N ARG A 286 -15.85 -5.37 3.56
CA ARG A 286 -17.28 -5.64 3.74
C ARG A 286 -17.51 -6.66 4.87
N LYS A 287 -16.63 -7.65 4.98
CA LYS A 287 -16.71 -8.62 6.07
C LYS A 287 -16.52 -7.92 7.41
N ASN A 288 -15.49 -7.07 7.50
CA ASN A 288 -15.09 -6.49 8.78
C ASN A 288 -15.77 -5.20 9.21
N PHE A 289 -16.30 -4.43 8.27
CA PHE A 289 -16.95 -3.15 8.62
C PHE A 289 -18.40 -3.06 8.17
N ALA A 290 -18.97 -4.19 7.74
CA ALA A 290 -20.41 -4.34 7.43
C ALA A 290 -20.97 -3.24 6.50
N THR A 291 -20.10 -2.75 5.63
CA THR A 291 -20.40 -1.62 4.76
C THR A 291 -19.44 -1.79 3.61
N SER A 292 -19.90 -1.42 2.42
CA SER A 292 -19.10 -1.48 1.21
C SER A 292 -18.01 -0.42 1.22
N LEU A 293 -16.87 -0.73 0.63
CA LEU A 293 -15.81 0.26 0.41
C LEU A 293 -16.37 1.34 -0.49
N TYR A 294 -17.03 0.90 -1.54
CA TYR A 294 -17.79 1.78 -2.44
C TYR A 294 -18.67 2.79 -1.69
N SER A 295 -19.57 2.31 -0.83
CA SER A 295 -20.46 3.25 -0.13
C SER A 295 -19.71 4.20 0.80
N MET A 296 -18.63 3.74 1.44
CA MET A 296 -17.82 4.64 2.25
C MET A 296 -17.09 5.70 1.43
N ILE A 297 -16.50 5.30 0.29
CA ILE A 297 -15.90 6.28 -0.63
C ILE A 297 -16.97 7.26 -1.13
N LYS A 298 -18.11 6.72 -1.55
CA LYS A 298 -19.20 7.55 -2.09
C LYS A 298 -19.61 8.65 -1.12
N GLY A 299 -19.65 8.29 0.17
CA GLY A 299 -20.07 9.21 1.22
C GLY A 299 -18.98 10.19 1.62
N ASP A 300 -17.73 9.82 1.39
CA ASP A 300 -16.60 10.62 1.87
C ASP A 300 -15.98 11.58 0.87
N THR A 301 -16.30 11.40 -0.42
CA THR A 301 -15.59 12.08 -1.51
C THR A 301 -16.55 12.85 -2.44
N SER A 302 -16.00 13.79 -3.22
CA SER A 302 -16.78 14.74 -4.04
C SER A 302 -16.30 14.82 -5.48
N GLY A 303 -17.21 15.20 -6.38
CA GLY A 303 -16.87 15.60 -7.75
C GLY A 303 -16.24 14.53 -8.61
N ASP A 304 -15.34 14.95 -9.51
CA ASP A 304 -14.68 14.03 -10.45
C ASP A 304 -13.77 13.01 -9.74
N TYR A 305 -13.13 13.48 -8.66
CA TYR A 305 -12.37 12.62 -7.75
C TYR A 305 -13.20 11.43 -7.28
N LYS A 306 -14.38 11.70 -6.70
CA LYS A 306 -15.32 10.64 -6.30
C LYS A 306 -15.65 9.69 -7.44
N LYS A 307 -15.93 10.25 -8.63
CA LYS A 307 -16.35 9.42 -9.75
C LYS A 307 -15.27 8.43 -10.19
N ALA A 308 -14.04 8.92 -10.21
CA ALA A 308 -12.90 8.16 -10.70
C ALA A 308 -12.57 7.08 -9.67
N LEU A 309 -12.66 7.43 -8.39
CA LEU A 309 -12.39 6.47 -7.32
C LEU A 309 -13.37 5.31 -7.35
N LEU A 310 -14.64 5.62 -7.61
CA LEU A 310 -15.70 4.62 -7.58
C LEU A 310 -15.57 3.68 -8.77
N LEU A 311 -15.12 4.20 -9.90
CA LEU A 311 -14.91 3.40 -11.09
C LEU A 311 -13.75 2.41 -10.91
N LEU A 312 -12.70 2.87 -10.20
CA LEU A 312 -11.53 2.06 -9.94
C LEU A 312 -11.88 0.94 -8.95
N CYS A 313 -12.71 1.26 -7.96
CA CYS A 313 -13.08 0.32 -6.88
C CYS A 313 -14.07 -0.74 -7.30
N GLY A 314 -15.16 -0.32 -7.94
CA GLY A 314 -16.28 -1.22 -8.25
C GLY A 314 -16.93 -1.66 -6.94
N GLY A 315 -17.81 -2.66 -7.03
CA GLY A 315 -18.38 -3.27 -5.83
C GLY A 315 -19.50 -2.51 -5.17
N GLU A 316 -20.37 -1.98 -6.00
CA GLU A 316 -21.60 -1.32 -5.55
C GLU A 316 -22.43 -2.25 -4.67
N ASP A 317 -22.56 -3.51 -5.11
CA ASP A 317 -23.37 -4.52 -4.43
C ASP A 317 -22.54 -5.48 -3.56
N ASP A 318 -21.43 -4.98 -3.04
CA ASP A 318 -20.61 -5.75 -2.11
C ASP A 318 -21.36 -5.98 -0.80
CA CA B . 7.28 -6.52 29.73
CA CA C . -7.79 22.97 -22.16
CA CA D . 0.83 1.26 23.67
CA CA E . -14.69 11.31 6.76
CA CA F . -2.89 21.19 -11.75
CA CA G . -14.91 20.91 -17.52
S SO4 H . 6.92 -3.55 30.90
O1 SO4 H . 6.58 -3.94 29.54
O2 SO4 H . 7.88 -2.44 30.93
O3 SO4 H . 5.71 -3.10 31.59
O4 SO4 H . 7.50 -4.70 31.55
S SO4 I . -3.87 23.68 -26.51
O1 SO4 I . -4.05 22.45 -25.76
O2 SO4 I . -3.66 23.39 -27.93
O3 SO4 I . -5.06 24.51 -26.39
O4 SO4 I . -2.70 24.37 -25.98
S SO4 J . -20.63 15.55 -5.72
O1 SO4 J . -19.57 15.46 -4.74
O2 SO4 J . -20.84 14.25 -6.34
O3 SO4 J . -21.85 15.99 -5.05
O4 SO4 J . -20.26 16.50 -6.77
S SO4 K . 4.04 -9.96 4.64
O1 SO4 K . 4.02 -8.60 4.08
O2 SO4 K . 4.50 -9.88 6.02
O3 SO4 K . 2.77 -10.62 4.65
O4 SO4 K . 5.02 -10.75 3.88
XE XE L . 6.81 -5.65 21.69
#